data_1VM0
#
_entry.id   1VM0
#
_cell.length_a   59.785
_cell.length_b   79.079
_cell.length_c   43.730
_cell.angle_alpha   90.00
_cell.angle_beta   90.00
_cell.angle_gamma   90.00
#
_symmetry.space_group_name_H-M   'P 21 21 2'
#
loop_
_entity.id
_entity.type
_entity.pdbx_description
1 polymer 'unknown protein'
2 non-polymer 'POTASSIUM ION'
3 non-polymer 'NITRATE ION'
4 water water
#
_entity_poly.entity_id   1
_entity_poly.type   'polypeptide(L)'
_entity_poly.pdbx_seq_one_letter_code
;SEEITDGVNN(MSE)NLATDSQKKNRIQVSNTKKPLFFYVNLAKRY(MSE)QQYNDVELSALG(MSE)AIATVVTVTEIL
KNNGFAVEKKI(MSE)TSIVDIKDDARGRPVQKAKIEITLVKSEKFDEL(MSE)AAANEEKEDAETQVQN
;
_entity_poly.pdbx_strand_id   A,B
#
loop_
_chem_comp.id
_chem_comp.type
_chem_comp.name
_chem_comp.formula
K non-polymer 'POTASSIUM ION' 'K 1'
NO3 non-polymer 'NITRATE ION' 'N O3 -1'
#
# COMPACT_ATOMS: atom_id res chain seq x y z
N LYS A 19 -13.39 -17.96 1.25
CA LYS A 19 -12.82 -17.71 -0.11
C LYS A 19 -13.78 -17.12 -1.14
N LYS A 20 -14.91 -17.68 -1.56
CA LYS A 20 -15.65 -17.06 -2.67
C LYS A 20 -16.12 -15.62 -2.41
N ASN A 21 -16.41 -15.28 -1.15
CA ASN A 21 -16.93 -13.96 -0.81
C ASN A 21 -15.93 -13.13 0.00
N ARG A 22 -14.67 -13.54 -0.07
CA ARG A 22 -13.50 -12.82 0.46
C ARG A 22 -12.71 -12.07 -0.60
N ILE A 23 -12.43 -10.81 -0.33
CA ILE A 23 -11.63 -9.92 -1.17
C ILE A 23 -10.35 -9.64 -0.38
N GLN A 24 -9.21 -10.03 -0.94
CA GLN A 24 -7.89 -9.77 -0.39
C GLN A 24 -7.40 -8.57 -1.19
N VAL A 25 -7.04 -7.51 -0.48
CA VAL A 25 -6.54 -6.30 -1.10
C VAL A 25 -5.02 -6.33 -1.08
N SER A 26 -4.39 -6.59 -2.22
CA SER A 26 -2.94 -6.66 -2.28
C SER A 26 -2.33 -6.18 -3.58
N ASN A 27 -3.15 -5.64 -4.47
CA ASN A 27 -2.73 -5.20 -5.79
C ASN A 27 -2.64 -3.67 -5.86
N THR A 28 -1.42 -3.15 -5.91
CA THR A 28 -1.21 -1.71 -5.93
C THR A 28 -1.63 -1.09 -7.27
N LYS A 29 -1.84 -1.89 -8.30
CA LYS A 29 -2.23 -1.38 -9.61
C LYS A 29 -3.73 -1.12 -9.65
N LYS A 30 -4.50 -1.66 -8.72
CA LYS A 30 -5.95 -1.47 -8.80
C LYS A 30 -6.47 -0.10 -8.35
N PRO A 31 -7.47 0.48 -9.03
CA PRO A 31 -8.11 1.68 -8.49
C PRO A 31 -8.98 1.30 -7.29
N LEU A 32 -9.14 2.21 -6.35
CA LEU A 32 -9.99 2.00 -5.18
C LEU A 32 -11.36 1.42 -5.54
N PHE A 33 -11.99 2.04 -6.52
CA PHE A 33 -13.35 1.67 -6.91
C PHE A 33 -13.43 0.23 -7.45
N PHE A 34 -12.34 -0.41 -7.85
CA PHE A 34 -12.29 -1.83 -8.15
C PHE A 34 -12.78 -2.60 -6.92
N TYR A 35 -12.19 -2.29 -5.77
CA TYR A 35 -12.51 -2.99 -4.53
C TYR A 35 -13.89 -2.59 -4.01
N VAL A 36 -14.28 -1.32 -4.17
CA VAL A 36 -15.60 -0.90 -3.72
C VAL A 36 -16.70 -1.62 -4.51
N ASN A 37 -16.57 -1.59 -5.83
CA ASN A 37 -17.50 -2.29 -6.71
C ASN A 37 -17.51 -3.80 -6.55
N LEU A 38 -16.35 -4.39 -6.30
CA LEU A 38 -16.29 -5.84 -6.09
C LEU A 38 -17.03 -6.17 -4.79
N ALA A 39 -16.87 -5.36 -3.76
CA ALA A 39 -17.57 -5.59 -2.51
C ALA A 39 -19.08 -5.53 -2.73
N LYS A 40 -19.53 -4.59 -3.56
CA LYS A 40 -20.95 -4.45 -3.81
C LYS A 40 -21.47 -5.66 -4.59
N ARG A 41 -20.72 -6.12 -5.58
CA ARG A 41 -21.13 -7.32 -6.32
C ARG A 41 -21.19 -8.57 -5.45
N TYR A 42 -20.22 -8.74 -4.56
CA TYR A 42 -20.18 -9.85 -3.63
C TYR A 42 -21.38 -9.77 -2.69
N MSE A 43 -21.70 -8.60 -2.16
CA MSE A 43 -22.88 -8.46 -1.29
C MSE A 43 -24.18 -8.81 -2.03
O MSE A 43 -25.12 -9.40 -1.46
CB MSE A 43 -22.94 -7.09 -0.63
CG MSE A 43 -21.97 -7.03 0.53
SE MSE A 43 -22.24 -5.39 1.54
CE MSE A 43 -21.42 -4.50 0.35
N GLN A 44 -24.23 -8.51 -3.32
CA GLN A 44 -25.41 -8.85 -4.11
C GLN A 44 -25.64 -10.35 -4.17
N GLN A 45 -24.57 -11.14 -4.18
CA GLN A 45 -24.68 -12.58 -4.29
C GLN A 45 -24.65 -13.38 -2.99
N TYR A 46 -23.90 -12.89 -2.01
CA TYR A 46 -23.61 -13.66 -0.81
C TYR A 46 -24.23 -13.01 0.44
N ASN A 47 -24.67 -11.77 0.30
CA ASN A 47 -25.29 -10.91 1.30
C ASN A 47 -24.13 -10.24 2.01
N ASP A 48 -23.08 -11.00 2.29
CA ASP A 48 -21.99 -10.49 3.10
C ASP A 48 -20.68 -10.76 2.39
N VAL A 49 -19.67 -10.03 2.87
CA VAL A 49 -18.42 -9.91 2.14
C VAL A 49 -17.37 -9.76 3.22
N GLU A 50 -16.25 -10.45 3.00
CA GLU A 50 -15.07 -10.35 3.84
C GLU A 50 -14.02 -9.57 3.03
N LEU A 51 -13.48 -8.54 3.65
CA LEU A 51 -12.34 -7.78 3.15
C LEU A 51 -11.12 -8.00 4.03
N SER A 52 -9.98 -8.34 3.44
CA SER A 52 -8.76 -8.52 4.24
C SER A 52 -7.55 -7.84 3.61
N ALA A 53 -6.62 -7.38 4.43
CA ALA A 53 -5.35 -6.85 3.94
C ALA A 53 -4.27 -6.86 5.00
N LEU A 54 -3.03 -6.75 4.52
CA LEU A 54 -1.88 -6.56 5.36
C LEU A 54 -1.30 -5.15 5.24
N GLY A 55 -0.76 -4.66 6.34
CA GLY A 55 0.16 -3.54 6.34
C GLY A 55 -0.35 -2.35 5.57
N MSE A 56 0.38 -1.94 4.53
CA MSE A 56 0.02 -0.77 3.74
C MSE A 56 -1.33 -0.83 3.06
O MSE A 56 -1.82 0.25 2.71
CB MSE A 56 1.11 -0.48 2.70
CG MSE A 56 1.24 -1.52 1.62
SE MSE A 56 2.55 -0.92 0.30
CE MSE A 56 2.54 -2.43 -0.87
N ALA A 57 -1.90 -2.02 2.88
CA ALA A 57 -3.21 -2.22 2.27
C ALA A 57 -4.38 -2.05 3.23
N ILE A 58 -4.10 -1.97 4.54
CA ILE A 58 -5.15 -1.80 5.52
C ILE A 58 -5.91 -0.48 5.26
N ALA A 59 -5.17 0.56 4.88
CA ALA A 59 -5.75 1.85 4.56
C ALA A 59 -6.83 1.71 3.50
N THR A 60 -6.61 0.86 2.50
CA THR A 60 -7.62 0.66 1.46
C THR A 60 -8.87 -0.01 1.99
N VAL A 61 -8.69 -1.05 2.79
CA VAL A 61 -9.83 -1.74 3.40
C VAL A 61 -10.65 -0.79 4.26
N VAL A 62 -9.98 0.04 5.06
CA VAL A 62 -10.63 1.03 5.89
C VAL A 62 -11.49 1.99 5.08
N THR A 63 -10.89 2.50 4.01
CA THR A 63 -11.54 3.44 3.11
C THR A 63 -12.74 2.80 2.40
N VAL A 64 -12.57 1.59 1.87
CA VAL A 64 -13.69 0.86 1.27
C VAL A 64 -14.87 0.79 2.24
N THR A 65 -14.56 0.40 3.46
CA THR A 65 -15.56 0.26 4.52
C THR A 65 -16.28 1.56 4.84
N GLU A 66 -15.51 2.64 5.05
CA GLU A 66 -16.07 3.97 5.27
C GLU A 66 -17.02 4.40 4.16
N ILE A 67 -16.61 4.20 2.91
CA ILE A 67 -17.44 4.51 1.74
C ILE A 67 -18.74 3.72 1.75
N LEU A 68 -18.67 2.42 2.00
CA LEU A 68 -19.87 1.58 1.97
C LEU A 68 -20.80 1.91 3.14
N LYS A 69 -20.22 2.33 4.27
CA LYS A 69 -21.01 2.76 5.41
C LYS A 69 -21.62 4.15 5.15
N ASN A 70 -20.80 5.15 4.87
CA ASN A 70 -21.27 6.52 4.63
C ASN A 70 -22.27 6.65 3.50
N ASN A 71 -22.20 5.80 2.48
CA ASN A 71 -23.12 5.95 1.36
C ASN A 71 -24.34 5.03 1.44
N GLY A 72 -24.49 4.37 2.59
CA GLY A 72 -25.68 3.60 2.89
C GLY A 72 -25.80 2.17 2.38
N PHE A 73 -24.72 1.56 1.87
CA PHE A 73 -24.77 0.23 1.27
C PHE A 73 -24.64 -0.90 2.27
N ALA A 74 -23.89 -0.67 3.35
CA ALA A 74 -23.43 -1.76 4.18
C ALA A 74 -23.50 -1.51 5.69
N VAL A 75 -23.56 -2.59 6.44
CA VAL A 75 -23.37 -2.53 7.89
C VAL A 75 -22.25 -3.52 8.22
N GLU A 76 -21.36 -3.11 9.10
CA GLU A 76 -20.27 -3.99 9.52
C GLU A 76 -20.82 -5.02 10.50
N LYS A 77 -20.29 -6.22 10.44
CA LYS A 77 -20.63 -7.31 11.35
C LYS A 77 -19.43 -7.66 12.20
N LYS A 78 -18.22 -7.49 11.69
CA LYS A 78 -17.01 -7.91 12.40
C LYS A 78 -15.82 -7.17 11.81
N ILE A 79 -14.98 -6.62 12.69
CA ILE A 79 -13.76 -5.97 12.24
C ILE A 79 -12.68 -6.49 13.20
N MSE A 80 -11.76 -7.31 12.66
CA MSE A 80 -10.70 -7.98 13.42
C MSE A 80 -9.36 -7.39 12.96
O MSE A 80 -9.12 -7.42 11.76
CB MSE A 80 -10.70 -9.48 13.12
CG MSE A 80 -12.04 -10.26 13.06
SE MSE A 80 -12.05 -12.03 12.20
CE MSE A 80 -11.91 -13.17 13.71
N THR A 81 -8.51 -6.81 13.80
CA THR A 81 -7.14 -6.40 13.46
C THR A 81 -6.23 -7.21 14.39
N SER A 82 -5.17 -7.78 13.83
CA SER A 82 -4.22 -8.57 14.59
C SER A 82 -2.85 -8.50 13.93
N ILE A 83 -1.85 -8.92 14.68
CA ILE A 83 -0.49 -9.09 14.16
C ILE A 83 -0.29 -10.54 13.80
N VAL A 84 0.16 -10.77 12.56
CA VAL A 84 0.47 -12.10 12.07
C VAL A 84 1.94 -12.26 11.67
N ASP A 85 2.39 -13.52 11.74
CA ASP A 85 3.73 -13.89 11.27
C ASP A 85 3.68 -14.23 9.80
N ILE A 86 4.62 -13.69 9.04
CA ILE A 86 4.82 -14.02 7.64
C ILE A 86 6.20 -14.66 7.53
N LYS A 87 6.27 -15.87 7.00
CA LYS A 87 7.53 -16.60 6.78
C LYS A 87 8.58 -15.81 5.99
N PRO A 94 10.62 -14.98 11.25
CA PRO A 94 9.54 -14.44 10.40
C PRO A 94 9.29 -12.97 10.73
N VAL A 95 8.68 -12.28 9.77
CA VAL A 95 8.37 -10.88 9.97
C VAL A 95 6.92 -10.75 10.42
N GLN A 96 6.66 -9.72 11.20
CA GLN A 96 5.32 -9.49 11.71
C GLN A 96 4.67 -8.37 10.93
N LYS A 97 3.40 -8.57 10.60
CA LYS A 97 2.60 -7.58 9.88
C LYS A 97 1.20 -7.52 10.49
N ALA A 98 0.64 -6.32 10.51
CA ALA A 98 -0.74 -6.10 10.89
C ALA A 98 -1.63 -6.62 9.77
N LYS A 99 -2.77 -7.21 10.15
CA LYS A 99 -3.75 -7.71 9.20
C LYS A 99 -5.12 -7.30 9.73
N ILE A 100 -5.93 -6.79 8.82
CA ILE A 100 -7.32 -6.43 9.13
C ILE A 100 -8.22 -7.41 8.39
N GLU A 101 -9.35 -7.77 9.02
CA GLU A 101 -10.37 -8.61 8.41
C GLU A 101 -11.71 -7.97 8.76
N ILE A 102 -12.41 -7.47 7.75
CA ILE A 102 -13.70 -6.84 7.94
C ILE A 102 -14.81 -7.66 7.31
N THR A 103 -15.90 -7.93 8.02
CA THR A 103 -17.06 -8.57 7.41
C THR A 103 -18.19 -7.54 7.37
N LEU A 104 -18.75 -7.36 6.17
CA LEU A 104 -19.88 -6.50 5.88
C LEU A 104 -21.09 -7.29 5.41
N VAL A 105 -22.26 -6.76 5.76
CA VAL A 105 -23.54 -7.27 5.27
C VAL A 105 -24.32 -6.13 4.61
N LYS A 106 -25.22 -6.51 3.71
CA LYS A 106 -26.12 -5.52 3.11
C LYS A 106 -26.92 -4.74 4.14
N SER A 107 -27.03 -3.43 3.94
CA SER A 107 -27.92 -2.58 4.70
C SER A 107 -29.33 -2.70 4.12
N GLU A 108 -30.30 -2.14 4.84
CA GLU A 108 -31.70 -2.13 4.43
C GLU A 108 -31.93 -1.34 3.15
N LYS A 109 -31.00 -0.46 2.81
CA LYS A 109 -31.09 0.34 1.58
C LYS A 109 -30.33 -0.22 0.38
N PHE A 110 -29.59 -1.31 0.58
CA PHE A 110 -28.68 -1.80 -0.45
C PHE A 110 -29.36 -2.08 -1.80
N ASP A 111 -30.43 -2.86 -1.78
CA ASP A 111 -31.11 -3.28 -3.00
C ASP A 111 -31.62 -2.07 -3.76
N GLU A 112 -32.22 -1.10 -3.06
CA GLU A 112 -32.68 0.11 -3.73
C GLU A 112 -31.58 1.02 -4.27
N LEU A 113 -30.45 1.09 -3.59
CA LEU A 113 -29.28 1.82 -4.07
C LEU A 113 -28.73 1.16 -5.32
N MSE A 114 -28.66 -0.16 -5.32
CA MSE A 114 -28.14 -0.86 -6.49
C MSE A 114 -29.05 -0.70 -7.72
O MSE A 114 -28.54 -0.53 -8.83
CB MSE A 114 -27.88 -2.33 -6.17
CG MSE A 114 -26.78 -2.51 -5.13
SE MSE A 114 -25.01 -1.91 -5.73
CE MSE A 114 -24.72 -3.29 -7.08
N ALA A 115 -30.36 -0.71 -7.48
CA ALA A 115 -31.35 -0.57 -8.54
C ALA A 115 -31.33 0.83 -9.14
N ALA A 116 -31.08 1.83 -8.30
CA ALA A 116 -31.00 3.23 -8.68
C ALA A 116 -29.75 3.56 -9.48
N ALA A 117 -28.69 2.77 -9.30
CA ALA A 117 -27.39 2.99 -9.92
C ALA A 117 -27.44 2.88 -11.44
N LYS B 20 19.77 -2.05 -11.38
CA LYS B 20 20.54 -2.60 -10.21
C LYS B 20 20.19 -1.94 -8.88
N ASN B 21 19.87 -0.66 -8.92
CA ASN B 21 19.64 0.15 -7.72
C ASN B 21 18.19 0.62 -7.69
N ARG B 22 17.25 -0.16 -8.21
CA ARG B 22 15.86 0.27 -8.26
C ARG B 22 15.06 -0.57 -7.26
N ILE B 23 14.19 0.09 -6.52
CA ILE B 23 13.30 -0.58 -5.59
C ILE B 23 11.88 -0.21 -5.96
N GLN B 24 11.04 -1.21 -6.24
CA GLN B 24 9.64 -1.01 -6.58
C GLN B 24 8.88 -1.57 -5.37
N VAL B 25 8.07 -0.72 -4.77
CA VAL B 25 7.27 -1.10 -3.59
C VAL B 25 5.91 -1.57 -4.05
N SER B 26 5.66 -2.85 -3.85
CA SER B 26 4.36 -3.43 -4.21
C SER B 26 3.94 -4.61 -3.35
N ASN B 27 4.80 -5.15 -2.50
CA ASN B 27 4.50 -6.37 -1.76
C ASN B 27 3.98 -5.97 -0.39
N THR B 28 2.69 -6.22 -0.13
CA THR B 28 2.14 -5.86 1.17
C THR B 28 2.64 -6.72 2.34
N LYS B 29 3.34 -7.80 2.06
CA LYS B 29 3.95 -8.60 3.11
C LYS B 29 5.21 -7.99 3.71
N LYS B 30 5.85 -7.05 3.02
CA LYS B 30 7.13 -6.54 3.49
C LYS B 30 6.98 -5.49 4.60
N PRO B 31 7.84 -5.57 5.61
CA PRO B 31 7.91 -4.52 6.63
C PRO B 31 8.55 -3.27 6.04
N LEU B 32 8.20 -2.11 6.59
CA LEU B 32 8.76 -0.84 6.11
C LEU B 32 10.29 -0.89 6.09
N PHE B 33 10.88 -1.42 7.15
CA PHE B 33 12.35 -1.40 7.23
C PHE B 33 13.02 -2.29 6.17
N PHE B 34 12.33 -3.25 5.57
CA PHE B 34 12.89 -3.92 4.40
C PHE B 34 13.29 -2.90 3.34
N TYR B 35 12.40 -1.99 3.01
CA TYR B 35 12.64 -0.96 2.00
C TYR B 35 13.64 0.10 2.44
N VAL B 36 13.62 0.50 3.71
CA VAL B 36 14.56 1.48 4.23
C VAL B 36 15.97 0.90 4.16
N ASN B 37 16.15 -0.33 4.62
CA ASN B 37 17.42 -1.02 4.64
C ASN B 37 17.94 -1.34 3.24
N LEU B 38 17.07 -1.73 2.32
CA LEU B 38 17.46 -1.93 0.93
C LEU B 38 17.93 -0.63 0.27
N ALA B 39 17.23 0.47 0.53
CA ALA B 39 17.61 1.80 0.06
C ALA B 39 18.99 2.16 0.61
N LYS B 40 19.23 1.86 1.89
CA LYS B 40 20.55 2.10 2.48
C LYS B 40 21.63 1.24 1.79
N ARG B 41 21.34 -0.03 1.55
CA ARG B 41 22.29 -0.89 0.87
C ARG B 41 22.63 -0.38 -0.54
N TYR B 42 21.62 -0.02 -1.31
CA TYR B 42 21.81 0.49 -2.67
C TYR B 42 22.58 1.81 -2.69
N MSE B 43 22.32 2.72 -1.77
CA MSE B 43 23.07 3.99 -1.67
C MSE B 43 24.52 3.68 -1.31
O MSE B 43 25.42 4.25 -1.90
CB MSE B 43 22.45 4.88 -0.59
CG MSE B 43 21.15 5.41 -1.17
SE MSE B 43 20.29 6.55 0.10
CE MSE B 43 20.95 7.40 -0.22
N GLN B 44 24.76 2.71 -0.44
CA GLN B 44 26.12 2.30 -0.08
C GLN B 44 26.87 1.72 -1.27
N GLN B 45 26.20 0.89 -2.06
CA GLN B 45 26.81 0.23 -3.21
C GLN B 45 26.98 1.10 -4.45
N TYR B 46 25.99 1.95 -4.71
CA TYR B 46 25.83 2.67 -5.97
C TYR B 46 25.79 4.20 -5.87
N ASN B 47 25.78 4.71 -4.66
CA ASN B 47 25.71 6.13 -4.34
C ASN B 47 24.28 6.64 -4.45
N ASP B 48 23.47 6.07 -5.34
CA ASP B 48 22.08 6.50 -5.44
C ASP B 48 21.15 5.31 -5.47
N VAL B 49 19.86 5.58 -5.35
CA VAL B 49 18.84 4.54 -5.33
C VAL B 49 17.61 5.19 -5.92
N GLU B 50 16.84 4.40 -6.66
CA GLU B 50 15.57 4.87 -7.22
C GLU B 50 14.45 4.10 -6.54
N LEU B 51 13.49 4.80 -5.96
CA LEU B 51 12.32 4.17 -5.35
C LEU B 51 11.10 4.47 -6.19
N SER B 52 10.26 3.47 -6.45
CA SER B 52 9.03 3.77 -7.17
C SER B 52 7.85 3.02 -6.61
N ALA B 53 6.65 3.53 -6.83
CA ALA B 53 5.46 2.86 -6.31
C ALA B 53 4.25 3.45 -7.01
N LEU B 54 3.18 2.66 -7.06
CA LEU B 54 1.89 3.15 -7.52
C LEU B 54 0.87 3.22 -6.39
N GLY B 55 -0.10 4.12 -6.50
CA GLY B 55 -1.29 4.09 -5.69
C GLY B 55 -1.06 4.04 -4.19
N MSE B 56 -1.57 2.99 -3.55
CA MSE B 56 -1.43 2.83 -2.11
C MSE B 56 0.01 2.73 -1.63
O MSE B 56 0.31 2.97 -0.46
CB MSE B 56 -2.21 1.59 -1.63
CG MSE B 56 -1.65 0.28 -2.14
SE MSE B 56 -2.74 -1.18 -1.44
CE MSE B 56 -2.14 -2.74 -2.38
N ALA B 57 0.91 2.32 -2.52
CA ALA B 57 2.29 2.11 -2.13
C ALA B 57 3.10 3.41 -2.11
N ILE B 58 2.55 4.51 -2.64
CA ILE B 58 3.20 5.81 -2.63
C ILE B 58 3.48 6.25 -1.18
N ALA B 59 2.58 5.95 -0.26
CA ALA B 59 2.78 6.34 1.14
C ALA B 59 4.07 5.70 1.69
N THR B 60 4.35 4.46 1.31
CA THR B 60 5.60 3.78 1.69
C THR B 60 6.84 4.51 1.18
N VAL B 61 6.86 4.83 -0.11
CA VAL B 61 8.03 5.51 -0.68
C VAL B 61 8.21 6.86 -0.02
N VAL B 62 7.13 7.61 0.17
CA VAL B 62 7.19 8.89 0.87
C VAL B 62 7.81 8.72 2.27
N THR B 63 7.41 7.69 3.01
CA THR B 63 7.85 7.47 4.38
C THR B 63 9.32 7.05 4.41
N VAL B 64 9.72 6.17 3.51
CA VAL B 64 11.14 5.79 3.40
C VAL B 64 12.00 7.03 3.13
N THR B 65 11.55 7.87 2.22
CA THR B 65 12.27 9.09 1.91
C THR B 65 12.36 10.05 3.09
N GLU B 66 11.27 10.22 3.82
CA GLU B 66 11.27 11.10 4.98
C GLU B 66 12.27 10.59 6.00
N ILE B 67 12.23 9.28 6.23
CA ILE B 67 13.14 8.67 7.19
C ILE B 67 14.60 8.93 6.85
N LEU B 68 14.96 8.65 5.60
CA LEU B 68 16.35 8.79 5.14
C LEU B 68 16.79 10.26 5.17
N LYS B 69 15.88 11.20 4.93
CA LYS B 69 16.21 12.63 5.04
C LYS B 69 16.36 13.14 6.48
N ASN B 70 15.33 12.90 7.28
CA ASN B 70 15.29 13.35 8.66
C ASN B 70 16.42 12.77 9.50
N ASN B 71 16.86 11.58 9.12
CA ASN B 71 17.92 10.92 9.87
C ASN B 71 19.32 11.08 9.32
N GLY B 72 19.42 11.82 8.23
CA GLY B 72 20.70 12.33 7.77
C GLY B 72 21.39 11.48 6.72
N PHE B 73 20.71 10.44 6.24
CA PHE B 73 21.29 9.48 5.31
C PHE B 73 21.31 9.88 3.85
N ALA B 74 20.34 10.68 3.44
CA ALA B 74 20.11 10.89 2.02
C ALA B 74 19.79 12.35 1.69
N VAL B 75 20.02 12.66 0.44
CA VAL B 75 19.60 13.92 -0.18
C VAL B 75 18.83 13.54 -1.43
N GLU B 76 17.65 14.13 -1.61
CA GLU B 76 16.90 13.85 -2.82
C GLU B 76 17.53 14.57 -4.00
N LYS B 77 17.41 13.92 -5.15
CA LYS B 77 17.88 14.48 -6.41
C LYS B 77 16.74 14.74 -7.37
N LYS B 78 15.73 13.88 -7.30
CA LYS B 78 14.60 13.93 -8.22
C LYS B 78 13.40 13.26 -7.58
N ILE B 79 12.26 13.95 -7.58
CA ILE B 79 10.99 13.36 -7.19
C ILE B 79 10.01 13.67 -8.33
N MSE B 80 9.56 12.66 -9.06
CA MSE B 80 8.64 12.74 -10.20
C MSE B 80 7.35 12.01 -9.76
O MSE B 80 7.38 10.89 -9.26
CB MSE B 80 9.24 12.07 -11.43
CG MSE B 80 8.82 12.53 -12.84
SE MSE B 80 9.82 14.18 -13.14
CE MSE B 80 8.21 15.36 -13.20
N THR B 81 6.19 12.62 -9.94
CA THR B 81 4.92 12.03 -9.58
C THR B 81 3.98 12.30 -10.77
N SER B 82 3.34 11.25 -11.28
CA SER B 82 2.58 11.40 -12.51
C SER B 82 1.46 10.38 -12.54
N ILE B 83 0.51 10.59 -13.45
CA ILE B 83 -0.53 9.61 -13.72
C ILE B 83 -0.13 8.78 -14.94
N VAL B 84 -0.14 7.46 -14.78
CA VAL B 84 0.18 6.50 -15.83
C VAL B 84 -0.99 5.58 -16.14
N ASP B 85 -0.97 5.05 -17.35
CA ASP B 85 -1.97 4.08 -17.76
C ASP B 85 -1.43 2.73 -17.37
N ILE B 86 -2.30 1.88 -16.84
CA ILE B 86 -1.95 0.51 -16.49
C ILE B 86 -2.87 -0.44 -17.27
N LYS B 87 -2.31 -1.37 -18.03
CA LYS B 87 -3.17 -2.33 -18.72
C LYS B 87 -4.03 -3.11 -17.73
N ASP B 88 -5.32 -3.22 -18.04
CA ASP B 88 -6.29 -3.84 -17.15
C ASP B 88 -7.35 -4.65 -17.92
N ASP B 89 -7.10 -5.96 -17.99
CA ASP B 89 -7.94 -6.88 -18.75
C ASP B 89 -9.41 -6.84 -18.32
N ALA B 90 -9.71 -7.11 -17.05
CA ALA B 90 -11.09 -7.02 -16.57
C ALA B 90 -11.81 -5.71 -16.88
N ARG B 91 -11.10 -4.58 -16.78
CA ARG B 91 -11.67 -3.26 -17.10
C ARG B 91 -12.05 -3.10 -18.58
N GLY B 92 -11.24 -3.69 -19.45
CA GLY B 92 -11.38 -3.55 -20.89
C GLY B 92 -10.68 -2.37 -21.55
N ARG B 93 -10.05 -1.53 -20.74
CA ARG B 93 -9.22 -0.41 -21.20
C ARG B 93 -8.31 -0.08 -20.03
N PRO B 94 -7.22 0.66 -20.24
CA PRO B 94 -6.29 0.90 -19.13
C PRO B 94 -6.89 1.69 -17.97
N VAL B 95 -6.40 1.41 -16.77
CA VAL B 95 -6.81 2.19 -15.60
C VAL B 95 -5.69 3.20 -15.41
N GLN B 96 -6.02 4.27 -14.69
CA GLN B 96 -5.02 5.30 -14.42
C GLN B 96 -4.63 5.25 -12.95
N LYS B 97 -3.34 5.24 -12.68
CA LYS B 97 -2.85 5.27 -11.31
C LYS B 97 -1.77 6.32 -11.15
N ALA B 98 -1.66 6.87 -9.94
CA ALA B 98 -0.53 7.73 -9.66
C ALA B 98 0.68 6.83 -9.44
N LYS B 99 1.81 7.32 -9.95
CA LYS B 99 3.12 6.70 -9.77
C LYS B 99 4.11 7.75 -9.27
N ILE B 100 4.91 7.42 -8.24
CA ILE B 100 5.98 8.26 -7.76
C ILE B 100 7.32 7.56 -8.06
N GLU B 101 8.31 8.37 -8.36
CA GLU B 101 9.66 7.90 -8.67
C GLU B 101 10.56 8.89 -7.94
N ILE B 102 11.35 8.38 -6.98
CA ILE B 102 12.26 9.18 -6.17
C ILE B 102 13.70 8.70 -6.30
N THR B 103 14.60 9.60 -6.66
CA THR B 103 16.02 9.26 -6.71
C THR B 103 16.67 9.94 -5.51
N LEU B 104 17.38 9.18 -4.69
CA LEU B 104 18.09 9.68 -3.52
C LEU B 104 19.55 9.39 -3.74
N VAL B 105 20.39 10.29 -3.25
CA VAL B 105 21.83 10.06 -3.23
C VAL B 105 22.35 10.10 -1.80
N LYS B 106 23.49 9.45 -1.62
CA LYS B 106 24.13 9.45 -0.32
C LYS B 106 24.40 10.88 0.14
N SER B 107 24.12 11.15 1.40
CA SER B 107 24.48 12.40 2.02
C SER B 107 25.94 12.34 2.44
N GLU B 108 26.49 13.50 2.82
CA GLU B 108 27.87 13.59 3.30
C GLU B 108 28.06 12.95 4.68
N LYS B 109 26.96 12.75 5.41
CA LYS B 109 26.98 12.09 6.70
C LYS B 109 26.66 10.59 6.65
N PHE B 110 26.28 10.03 5.51
CA PHE B 110 25.87 8.64 5.40
C PHE B 110 26.88 7.68 6.02
N ASP B 111 28.15 7.80 5.62
CA ASP B 111 29.15 6.85 6.10
C ASP B 111 29.32 6.93 7.61
N GLU B 112 29.45 8.13 8.14
CA GLU B 112 29.55 8.32 9.58
C GLU B 112 28.36 7.74 10.31
N LEU B 113 27.16 7.94 9.77
CA LEU B 113 25.96 7.45 10.42
C LEU B 113 25.85 5.93 10.36
N MSE B 114 26.27 5.31 9.27
CA MSE B 114 26.20 3.85 9.16
C MSE B 114 27.22 3.23 10.11
O MSE B 114 26.95 2.18 10.70
CB MSE B 114 26.39 3.39 7.71
CG MSE B 114 25.39 3.97 6.74
SE MSE B 114 23.69 3.00 6.73
CE MSE B 114 23.54 2.65 8.48
N ALA B 115 28.36 3.89 10.26
CA ALA B 115 29.39 3.51 11.22
C ALA B 115 28.85 3.65 12.64
N ALA B 116 28.39 4.85 13.00
CA ALA B 116 27.89 5.15 14.34
C ALA B 116 26.74 4.23 14.79
N ALA B 117 26.00 3.67 13.84
CA ALA B 117 24.88 2.78 14.18
C ALA B 117 25.45 1.66 15.03
N ASN B 118 26.69 1.27 14.71
CA ASN B 118 27.35 0.18 15.43
C ASN B 118 28.54 0.67 16.27
N GLU B 119 28.50 1.93 16.73
CA GLU B 119 29.55 2.50 17.57
C GLU B 119 30.94 2.33 16.96
N GLU B 120 31.05 2.64 15.67
CA GLU B 120 32.30 2.45 14.93
C GLU B 120 32.92 3.73 14.35
N LYS B 121 32.34 4.88 14.69
CA LYS B 121 32.86 6.18 14.29
C LYS B 121 34.24 6.47 14.87
N GLU B 122 35.14 7.12 14.13
CA GLU B 122 36.47 7.45 14.66
C GLU B 122 36.77 8.93 14.85
K K C . -12.75 -14.39 -3.50
N NO3 D . -20.64 4.39 -3.12
O1 NO3 D . -21.03 4.30 -4.46
O2 NO3 D . -20.20 3.22 -2.48
O3 NO3 D . -20.68 5.62 -2.47
K K E . 36.05 1.89 14.08
N NO3 F . 9.34 -2.79 10.50
O1 NO3 F . 9.45 -1.91 9.44
O2 NO3 F . 8.05 -3.15 10.87
O3 NO3 F . 10.49 -3.23 11.16
N NO3 G . 11.13 10.04 9.99
O1 NO3 G . 10.88 10.62 8.76
O2 NO3 G . 12.37 10.24 10.62
O3 NO3 G . 10.18 9.20 10.56
N NO3 H . 17.26 5.39 9.94
O1 NO3 H . 16.96 5.23 8.59
O2 NO3 H . 18.08 4.48 10.60
O3 NO3 H . 16.76 6.47 10.67
#